data_5FFZ
#
_entry.id   5FFZ
#
_cell.length_a   119.061
_cell.length_b   119.061
_cell.length_c   56.279
_cell.angle_alpha   90.00
_cell.angle_beta   90.00
_cell.angle_gamma   120.00
#
_symmetry.space_group_name_H-M   'H 3 2'
#
loop_
_entity.id
_entity.type
_entity.pdbx_description
1 polymer 'MarR family regulatory protein'
2 non-polymer ETHIDIUM
3 non-polymer 'POTASSIUM ION'
4 water water
#
_entity_poly.entity_id   1
_entity_poly.type   'polypeptide(L)'
_entity_poly.pdbx_seq_one_letter_code
;SNEFTYSYLFRMISHEMKQKADQKLEQFDITNEQGHTLGYLYAHQQDGLTQNDIAKALQRTGPTVSNLLRNLERKKLIYR
YVDAQDTRRKNIGLTTSGIKLVEAFTSIFDEMEQTLVSQLSEEENEQMKANLTKMLSSLQ
;
_entity_poly.pdbx_strand_id   A
#
# COMPACT_ATOMS: atom_id res chain seq x y z
N SER A 1 27.31 9.59 -12.99
CA SER A 1 28.47 10.49 -13.01
C SER A 1 28.97 10.75 -11.60
N ASN A 2 30.22 11.19 -11.50
CA ASN A 2 30.83 11.36 -10.20
C ASN A 2 30.74 12.81 -9.77
N GLU A 3 30.03 13.59 -10.58
CA GLU A 3 29.94 15.01 -10.33
C GLU A 3 28.80 15.29 -9.37
N PHE A 4 28.01 14.25 -9.10
CA PHE A 4 26.86 14.40 -8.22
C PHE A 4 27.06 13.67 -6.89
N THR A 5 26.50 14.26 -5.84
CA THR A 5 26.50 13.64 -4.53
C THR A 5 25.42 12.58 -4.52
N TYR A 6 25.60 11.57 -3.67
CA TYR A 6 24.53 10.62 -3.40
C TYR A 6 23.28 11.34 -2.94
N SER A 7 23.46 12.35 -2.11
CA SER A 7 22.34 13.15 -1.60
C SER A 7 21.49 13.72 -2.72
N TYR A 8 22.15 14.23 -3.77
CA TYR A 8 21.46 14.80 -4.91
C TYR A 8 20.69 13.73 -5.66
N LEU A 9 21.36 12.63 -6.00
CA LEU A 9 20.75 11.60 -6.81
C LEU A 9 19.54 10.99 -6.09
N PHE A 10 19.69 10.75 -4.80
CA PHE A 10 18.63 10.11 -4.04
C PHE A 10 17.46 11.07 -3.84
N ARG A 11 17.79 12.35 -3.62
CA ARG A 11 16.76 13.37 -3.47
C ARG A 11 15.96 13.52 -4.75
N MET A 12 16.65 13.57 -5.88
CA MET A 12 15.99 13.73 -7.17
C MET A 12 15.16 12.53 -7.57
N ILE A 13 15.71 11.33 -7.41
CA ILE A 13 14.98 10.13 -7.79
C ILE A 13 13.73 9.98 -6.92
N SER A 14 13.90 10.21 -5.61
CA SER A 14 12.78 10.10 -4.69
C SER A 14 11.72 11.17 -4.95
N HIS A 15 12.17 12.38 -5.25
CA HIS A 15 11.29 13.49 -5.56
C HIS A 15 10.46 13.15 -6.80
N GLU A 16 11.13 12.67 -7.85
CA GLU A 16 10.49 12.37 -9.13
C GLU A 16 9.45 11.26 -8.94
N MET A 17 9.83 10.20 -8.24
CA MET A 17 8.95 9.06 -8.03
C MET A 17 7.72 9.53 -7.25
N LYS A 18 7.97 10.40 -6.26
CA LYS A 18 6.91 10.98 -5.47
C LYS A 18 5.96 11.78 -6.34
N GLN A 19 6.51 12.64 -7.19
CA GLN A 19 5.70 13.49 -8.08
C GLN A 19 4.78 12.63 -8.97
N LYS A 20 5.36 11.59 -9.55
CA LYS A 20 4.60 10.73 -10.46
C LYS A 20 3.47 10.01 -9.71
N ALA A 21 3.84 9.39 -8.60
CA ALA A 21 2.87 8.69 -7.75
C ALA A 21 1.75 9.62 -7.32
N ASP A 22 2.10 10.83 -6.86
CA ASP A 22 1.12 11.80 -6.38
C ASP A 22 0.15 12.20 -7.50
N GLN A 23 0.71 12.42 -8.69
CA GLN A 23 -0.08 12.85 -9.84
C GLN A 23 -1.05 11.74 -10.21
N LYS A 24 -0.68 10.52 -9.86
CA LYS A 24 -1.50 9.34 -10.12
C LYS A 24 -2.54 9.14 -9.02
N LEU A 25 -2.16 9.57 -7.82
CA LEU A 25 -2.96 9.52 -6.60
C LEU A 25 -4.07 10.56 -6.46
N GLU A 26 -3.98 11.69 -7.15
CA GLU A 26 -4.97 12.76 -6.92
C GLU A 26 -6.40 12.42 -7.37
N GLN A 27 -6.53 11.32 -8.11
CA GLN A 27 -7.84 10.89 -8.61
C GLN A 27 -8.54 9.82 -7.80
N PHE A 28 -8.02 9.52 -6.63
CA PHE A 28 -8.70 8.53 -5.82
C PHE A 28 -9.49 9.19 -4.72
N ASP A 29 -9.01 10.35 -4.23
CA ASP A 29 -9.73 11.13 -3.22
C ASP A 29 -10.06 10.30 -1.97
N ILE A 30 -9.31 9.23 -1.74
CA ILE A 30 -9.48 8.48 -0.50
C ILE A 30 -8.31 8.68 0.48
N THR A 31 -8.60 8.50 1.76
CA THR A 31 -7.65 8.83 2.81
C THR A 31 -6.44 7.92 2.75
N ASN A 32 -5.28 8.41 3.19
CA ASN A 32 -4.15 7.53 3.46
C ASN A 32 -4.50 6.34 4.35
N GLU A 33 -5.20 6.63 5.45
CA GLU A 33 -5.60 5.64 6.43
C GLU A 33 -6.48 4.57 5.80
N GLN A 34 -7.40 5.05 5.00
CA GLN A 34 -8.35 4.19 4.29
C GLN A 34 -7.64 3.39 3.22
N GLY A 35 -6.64 3.99 2.57
CA GLY A 35 -5.83 3.26 1.62
C GLY A 35 -5.10 2.10 2.26
N HIS A 36 -4.53 2.36 3.43
CA HIS A 36 -3.80 1.32 4.18
C HIS A 36 -4.76 0.22 4.57
N THR A 37 -5.96 0.62 4.99
CA THR A 37 -6.99 -0.33 5.37
C THR A 37 -7.39 -1.23 4.19
N LEU A 38 -7.59 -0.62 3.03
CA LEU A 38 -7.98 -1.36 1.86
C LEU A 38 -6.88 -2.31 1.41
N GLY A 39 -5.63 -1.87 1.55
CA GLY A 39 -4.50 -2.72 1.20
C GLY A 39 -4.37 -3.92 2.12
N TYR A 40 -4.63 -3.68 3.40
CA TYR A 40 -4.56 -4.76 4.39
C TYR A 40 -5.64 -5.78 4.03
N LEU A 41 -6.83 -5.28 3.74
CA LEU A 41 -7.92 -6.15 3.29
C LEU A 41 -7.57 -6.93 2.03
N TYR A 42 -6.93 -6.26 1.06
CA TYR A 42 -6.46 -6.94 -0.15
C TYR A 42 -5.52 -8.09 0.19
N ALA A 43 -4.68 -7.88 1.20
CA ALA A 43 -3.63 -8.84 1.53
C ALA A 43 -4.09 -9.97 2.45
N HIS A 44 -5.21 -9.77 3.14
CA HIS A 44 -5.56 -10.65 4.26
C HIS A 44 -7.04 -11.00 4.41
N GLN A 45 -7.90 -10.45 3.56
CA GLN A 45 -9.34 -10.71 3.71
C GLN A 45 -9.65 -12.20 3.61
N GLN A 46 -8.75 -12.97 3.01
CA GLN A 46 -8.97 -14.41 2.92
C GLN A 46 -8.93 -15.06 4.30
N ASP A 47 -8.42 -14.32 5.28
CA ASP A 47 -8.36 -14.80 6.65
C ASP A 47 -9.66 -14.55 7.40
N GLY A 48 -10.60 -13.87 6.76
CA GLY A 48 -11.89 -13.58 7.38
C GLY A 48 -11.75 -12.50 8.45
N LEU A 49 -11.59 -11.26 8.01
CA LEU A 49 -11.18 -10.18 8.92
C LEU A 49 -12.38 -9.59 9.68
N THR A 50 -12.20 -9.37 10.97
CA THR A 50 -13.18 -8.65 11.77
C THR A 50 -12.69 -7.23 12.06
N GLN A 51 -13.56 -6.38 12.61
CA GLN A 51 -13.17 -5.01 12.92
C GLN A 51 -12.02 -4.95 13.91
N ASN A 52 -12.08 -5.78 14.95
CA ASN A 52 -11.03 -5.86 15.95
C ASN A 52 -9.69 -6.24 15.33
N ASP A 53 -9.68 -7.29 14.51
CA ASP A 53 -8.49 -7.72 13.78
C ASP A 53 -7.85 -6.56 13.03
N ILE A 54 -8.67 -5.76 12.37
CA ILE A 54 -8.19 -4.60 11.64
C ILE A 54 -7.62 -3.57 12.60
N ALA A 55 -8.26 -3.40 13.75
CA ALA A 55 -7.77 -2.46 14.76
C ALA A 55 -6.37 -2.85 15.23
N LYS A 56 -6.22 -4.12 15.62
CA LYS A 56 -4.95 -4.65 16.09
C LYS A 56 -3.89 -4.46 15.03
N ALA A 57 -4.15 -5.00 13.84
CA ALA A 57 -3.20 -4.95 12.74
C ALA A 57 -2.80 -3.52 12.35
N LEU A 58 -3.77 -2.61 12.35
CA LEU A 58 -3.51 -1.22 12.01
C LEU A 58 -2.96 -0.42 13.19
N GLN A 59 -2.91 -1.05 14.36
CA GLN A 59 -2.55 -0.37 15.61
C GLN A 59 -3.30 0.94 15.81
N ARG A 60 -4.61 0.91 15.61
CA ARG A 60 -5.48 2.04 15.88
C ARG A 60 -6.55 1.61 16.88
N THR A 61 -7.38 2.55 17.34
CA THR A 61 -8.43 2.18 18.28
C THR A 61 -9.69 1.71 17.56
N GLY A 62 -10.57 1.05 18.32
CA GLY A 62 -11.84 0.60 17.78
C GLY A 62 -12.74 1.63 17.12
N PRO A 63 -12.99 2.76 17.80
CA PRO A 63 -13.90 3.75 17.21
C PRO A 63 -13.31 4.45 15.97
N THR A 64 -11.99 4.63 15.93
CA THR A 64 -11.33 5.17 14.75
C THR A 64 -11.47 4.25 13.54
N VAL A 65 -11.27 2.96 13.79
CA VAL A 65 -11.39 1.95 12.76
C VAL A 65 -12.85 1.91 12.30
N SER A 66 -13.76 2.03 13.26
CA SER A 66 -15.18 2.06 12.97
C SER A 66 -15.48 3.22 12.04
N ASN A 67 -14.86 4.37 12.32
CA ASN A 67 -15.05 5.56 11.49
C ASN A 67 -14.58 5.31 10.07
N LEU A 68 -13.38 4.72 9.95
CA LEU A 68 -12.82 4.37 8.65
C LEU A 68 -13.69 3.42 7.85
N LEU A 69 -14.13 2.35 8.49
CA LEU A 69 -14.91 1.33 7.81
C LEU A 69 -16.27 1.88 7.44
N ARG A 70 -16.80 2.75 8.27
CA ARG A 70 -18.08 3.40 8.00
C ARG A 70 -17.95 4.23 6.73
N ASN A 71 -16.86 4.98 6.63
CA ASN A 71 -16.64 5.82 5.46
C ASN A 71 -16.37 5.00 4.20
N LEU A 72 -15.61 3.92 4.34
CA LEU A 72 -15.30 3.05 3.21
C LEU A 72 -16.55 2.34 2.71
N GLU A 73 -17.41 1.95 3.64
CA GLU A 73 -18.63 1.22 3.30
C GLU A 73 -19.58 2.20 2.63
N ARG A 74 -19.55 3.45 3.06
CA ARG A 74 -20.37 4.48 2.45
C ARG A 74 -19.98 4.58 0.97
N LYS A 75 -18.68 4.55 0.72
CA LYS A 75 -18.13 4.66 -0.63
C LYS A 75 -18.23 3.35 -1.41
N LYS A 76 -18.79 2.32 -0.77
CA LYS A 76 -19.02 1.01 -1.38
C LYS A 76 -17.71 0.33 -1.81
N LEU A 77 -16.66 0.55 -1.04
CA LEU A 77 -15.36 -0.06 -1.32
C LEU A 77 -15.13 -1.30 -0.47
N ILE A 78 -15.90 -1.44 0.60
CA ILE A 78 -15.90 -2.65 1.41
C ILE A 78 -17.31 -3.10 1.76
N TYR A 79 -17.43 -4.33 2.24
CA TYR A 79 -18.72 -4.85 2.66
C TYR A 79 -18.57 -5.96 3.70
N ARG A 80 -19.68 -6.26 4.37
CA ARG A 80 -19.71 -7.24 5.45
C ARG A 80 -20.54 -8.46 5.06
N TYR A 81 -19.96 -9.65 5.18
CA TYR A 81 -20.66 -10.85 4.76
C TYR A 81 -20.67 -11.86 5.91
N VAL A 82 -21.61 -12.80 5.87
CA VAL A 82 -21.76 -13.74 6.98
C VAL A 82 -20.67 -14.80 6.87
N ASP A 83 -20.07 -15.16 8.01
CA ASP A 83 -18.95 -16.09 8.01
C ASP A 83 -19.40 -17.48 7.60
N ALA A 84 -18.66 -18.09 6.69
CA ALA A 84 -19.00 -19.41 6.18
C ALA A 84 -18.84 -20.50 7.23
N GLN A 85 -17.96 -20.29 8.19
CA GLN A 85 -17.71 -21.32 9.19
C GLN A 85 -18.72 -21.18 10.33
N ASP A 86 -19.12 -19.94 10.58
CA ASP A 86 -19.93 -19.64 11.74
C ASP A 86 -20.93 -18.56 11.34
N THR A 87 -22.16 -18.94 11.00
CA THR A 87 -23.14 -17.98 10.48
C THR A 87 -23.55 -16.97 11.53
N ARG A 88 -23.06 -17.20 12.74
CA ARG A 88 -23.22 -16.27 13.85
C ARG A 88 -22.38 -15.00 13.69
N ARG A 89 -21.34 -15.09 12.87
CA ARG A 89 -20.30 -14.07 12.83
C ARG A 89 -20.25 -13.37 11.47
N LYS A 90 -19.77 -12.12 11.43
CA LYS A 90 -19.56 -11.39 10.18
C LYS A 90 -18.10 -11.03 9.88
N ASN A 91 -17.75 -10.98 8.60
CA ASN A 91 -16.40 -10.63 8.16
C ASN A 91 -16.42 -9.43 7.21
N ILE A 92 -15.34 -8.65 7.23
CA ILE A 92 -15.15 -7.51 6.33
C ILE A 92 -14.29 -7.85 5.12
N GLY A 93 -14.72 -7.44 3.93
CA GLY A 93 -13.90 -7.66 2.76
C GLY A 93 -14.07 -6.57 1.71
N LEU A 94 -13.26 -6.63 0.66
CA LEU A 94 -13.37 -5.67 -0.44
C LEU A 94 -14.55 -5.97 -1.34
N THR A 95 -15.14 -4.91 -1.89
CA THR A 95 -16.02 -5.08 -3.03
C THR A 95 -15.20 -5.10 -4.30
N THR A 96 -15.87 -5.17 -5.44
CA THR A 96 -15.20 -5.14 -6.73
C THR A 96 -14.44 -3.83 -6.92
N SER A 97 -15.14 -2.71 -6.69
CA SER A 97 -14.55 -1.38 -6.81
C SER A 97 -13.35 -1.18 -5.88
N GLY A 98 -13.36 -1.86 -4.73
CA GLY A 98 -12.28 -1.79 -3.77
C GLY A 98 -11.05 -2.53 -4.28
N ILE A 99 -11.26 -3.74 -4.78
CA ILE A 99 -10.19 -4.55 -5.35
C ILE A 99 -9.54 -3.83 -6.51
N LYS A 100 -10.38 -3.32 -7.41
CA LYS A 100 -9.92 -2.49 -8.51
C LYS A 100 -9.07 -1.32 -8.03
N LEU A 101 -9.54 -0.63 -6.99
CA LEU A 101 -8.82 0.52 -6.46
C LEU A 101 -7.44 0.18 -5.89
N VAL A 102 -7.39 -0.91 -5.12
CA VAL A 102 -6.12 -1.36 -4.56
C VAL A 102 -5.14 -1.81 -5.64
N GLU A 103 -5.66 -2.53 -6.63
CA GLU A 103 -4.83 -2.97 -7.75
C GLU A 103 -4.28 -1.81 -8.56
N ALA A 104 -5.06 -0.74 -8.68
CA ALA A 104 -4.60 0.43 -9.43
C ALA A 104 -3.46 1.12 -8.68
N PHE A 105 -3.73 1.41 -7.41
CA PHE A 105 -2.73 2.01 -6.53
C PHE A 105 -1.44 1.21 -6.54
N THR A 106 -1.56 -0.11 -6.50
CA THR A 106 -0.39 -0.97 -6.36
C THR A 106 0.34 -1.07 -7.69
N SER A 107 -0.43 -1.12 -8.78
CA SER A 107 0.13 -1.12 -10.13
C SER A 107 0.99 0.10 -10.39
N ILE A 108 0.65 1.24 -9.78
CA ILE A 108 1.51 2.41 -9.95
C ILE A 108 2.96 2.14 -9.52
N PHE A 109 3.09 1.49 -8.36
CA PHE A 109 4.39 1.21 -7.77
C PHE A 109 5.05 0.03 -8.43
N ASP A 110 4.24 -0.96 -8.82
CA ASP A 110 4.79 -2.13 -9.46
C ASP A 110 5.39 -1.72 -10.80
N GLU A 111 4.65 -0.88 -11.54
CA GLU A 111 5.14 -0.38 -12.81
C GLU A 111 6.38 0.50 -12.63
N MET A 112 6.38 1.33 -11.59
CA MET A 112 7.55 2.18 -11.35
C MET A 112 8.80 1.35 -11.05
N GLU A 113 8.62 0.36 -10.17
CA GLU A 113 9.69 -0.55 -9.81
C GLU A 113 10.19 -1.31 -11.03
N GLN A 114 9.26 -1.78 -11.85
CA GLN A 114 9.63 -2.60 -12.99
C GLN A 114 10.42 -1.74 -13.97
N THR A 115 10.01 -0.48 -14.10
CA THR A 115 10.70 0.48 -14.93
C THR A 115 12.14 0.65 -14.45
N LEU A 116 12.32 0.77 -13.14
CA LEU A 116 13.66 0.94 -12.59
C LEU A 116 14.53 -0.31 -12.75
N VAL A 117 13.94 -1.45 -12.41
CA VAL A 117 14.57 -2.77 -12.51
C VAL A 117 15.02 -3.13 -13.93
N SER A 118 14.26 -2.69 -14.93
CA SER A 118 14.57 -3.07 -16.31
C SER A 118 15.80 -2.36 -16.87
N GLN A 119 16.31 -1.38 -16.14
CA GLN A 119 17.50 -0.64 -16.58
C GLN A 119 18.79 -1.41 -16.29
N LEU A 120 18.71 -2.37 -15.37
CA LEU A 120 19.89 -3.08 -14.91
C LEU A 120 19.71 -4.58 -15.05
N SER A 121 20.83 -5.31 -15.07
CA SER A 121 20.78 -6.77 -15.10
C SER A 121 20.33 -7.26 -13.74
N GLU A 122 20.01 -8.55 -13.62
CA GLU A 122 19.58 -9.11 -12.35
C GLU A 122 20.68 -8.99 -11.29
N GLU A 123 21.92 -9.25 -11.71
CA GLU A 123 23.04 -9.15 -10.79
C GLU A 123 23.25 -7.69 -10.41
N GLU A 124 23.10 -6.80 -11.38
CA GLU A 124 23.29 -5.37 -11.13
C GLU A 124 22.23 -4.88 -10.17
N ASN A 125 21.01 -5.38 -10.33
CA ASN A 125 19.90 -4.99 -9.47
C ASN A 125 20.13 -5.49 -8.05
N GLU A 126 20.69 -6.70 -7.96
CA GLU A 126 20.93 -7.33 -6.67
C GLU A 126 22.00 -6.59 -5.88
N GLN A 127 23.08 -6.28 -6.60
CA GLN A 127 24.18 -5.50 -6.05
C GLN A 127 23.69 -4.12 -5.64
N MET A 128 22.86 -3.53 -6.49
CA MET A 128 22.36 -2.19 -6.22
C MET A 128 21.50 -2.15 -4.97
N LYS A 129 20.58 -3.10 -4.85
CA LYS A 129 19.69 -3.10 -3.68
C LYS A 129 20.48 -3.40 -2.42
N ALA A 130 21.49 -4.27 -2.54
CA ALA A 130 22.32 -4.61 -1.38
C ALA A 130 23.12 -3.40 -0.92
N ASN A 131 23.76 -2.70 -1.85
CA ASN A 131 24.55 -1.53 -1.51
C ASN A 131 23.68 -0.41 -0.94
N LEU A 132 22.47 -0.26 -1.50
CA LEU A 132 21.52 0.72 -1.00
C LEU A 132 21.13 0.42 0.43
N THR A 133 20.93 -0.85 0.72
CA THR A 133 20.54 -1.28 2.05
C THR A 133 21.69 -1.08 3.04
N LYS A 134 22.91 -1.36 2.59
CA LYS A 134 24.10 -1.12 3.41
C LYS A 134 24.23 0.36 3.73
N MET A 135 23.97 1.19 2.74
CA MET A 135 24.08 2.64 2.88
C MET A 135 23.06 3.19 3.87
N LEU A 136 21.79 2.82 3.67
CA LEU A 136 20.76 3.17 4.63
C LEU A 136 21.15 2.70 6.02
N SER A 137 21.72 1.50 6.12
CA SER A 137 22.16 0.96 7.39
C SER A 137 23.19 1.91 8.00
N SER A 138 24.02 2.46 7.12
CA SER A 138 25.08 3.38 7.50
C SER A 138 24.50 4.75 7.85
N LEU A 139 23.19 4.89 7.64
CA LEU A 139 22.54 6.17 7.90
C LEU A 139 21.77 6.12 9.22
N GLN A 140 21.70 4.95 9.83
CA GLN A 140 21.03 4.79 11.11
C GLN A 140 22.03 4.43 12.22
#